data_6N8F
#
_entry.id   6N8F
#
loop_
_entity.id
_entity.type
_entity.pdbx_description
1 polymer "RNA (5'-R(*CP*GP*CP*AP*GP*CP*UP*UP*AP*CP*GP*C)-3')"
2 polymer "RNA (5'-R(*GP*CP*GP*UP*GP*CP*UP*UP*UP*GP*CP*G)-3')"
#
loop_
_entity_poly.entity_id
_entity_poly.type
_entity_poly.pdbx_seq_one_letter_code
_entity_poly.pdbx_strand_id
1 'polyribonucleotide' CGCAGCUUACGC A
2 'polyribonucleotide' GCGUGCUUUGCG B
#